data_7EE5
#
_entry.id   7EE5
#
_cell.length_a   189.094
_cell.length_b   189.094
_cell.length_c   41.207
_cell.angle_alpha   90.000
_cell.angle_beta   90.000
_cell.angle_gamma   120.000
#
_symmetry.space_group_name_H-M   'H 3'
#
loop_
_entity.id
_entity.type
_entity.pdbx_description
1 polymer 'Subtilase cytotoxin subunit B-like protein'
2 branched 'N-glycolyl-alpha-neuraminic acid-(2-3)-beta-D-galactopyranose-(1-4)-alpha-D-glucopyranose'
3 non-polymer 'N-glycolyl-alpha-neuraminic acid'
4 non-polymer 'TETRAETHYLENE GLYCOL'
5 water water
#
_entity_poly.entity_id   1
_entity_poly.type   'polypeptide(L)'
_entity_poly.pdbx_seq_one_letter_code
;AMADYDTYVSNVQINNLSYGVYTSGGKETQFFCIGLKHGSEAISINAMCKVDVYGNHKQGFDNMLNTAKYYYTTGGDVRI
YYKENVWRDPDFKSAFSSRELIAITTCSSSSYCMGPTVTNLESD
;
_entity_poly.pdbx_strand_id   A,B,C,D,E
#
# COMPACT_ATOMS: atom_id res chain seq x y z
N ALA A 1 -13.64 -31.15 7.14
CA ALA A 1 -13.08 -30.23 6.15
C ALA A 1 -13.41 -28.80 6.53
N MET A 2 -12.64 -27.85 5.98
CA MET A 2 -12.89 -26.42 6.20
C MET A 2 -14.17 -26.02 5.49
N ALA A 3 -15.11 -25.45 6.27
CA ALA A 3 -16.34 -24.92 5.68
C ALA A 3 -16.02 -23.84 4.67
N ASP A 4 -16.68 -23.90 3.50
CA ASP A 4 -16.57 -22.96 2.41
C ASP A 4 -15.31 -23.13 1.59
N TYR A 5 -14.56 -24.23 1.75
CA TYR A 5 -13.33 -24.51 1.01
C TYR A 5 -13.48 -25.70 0.09
N ASP A 6 -14.72 -26.16 -0.17
CA ASP A 6 -14.92 -27.37 -0.96
C ASP A 6 -15.02 -27.12 -2.46
N THR A 7 -15.07 -25.87 -2.89
N THR A 7 -15.24 -25.88 -2.90
CA THR A 7 -15.38 -25.52 -4.29
CA THR A 7 -15.33 -25.61 -4.33
C THR A 7 -14.30 -24.57 -4.84
C THR A 7 -14.20 -24.64 -4.72
N TYR A 8 -13.46 -25.07 -5.75
CA TYR A 8 -12.33 -24.30 -6.18
C TYR A 8 -11.96 -24.70 -7.61
N VAL A 9 -11.17 -23.80 -8.24
CA VAL A 9 -10.55 -24.08 -9.53
C VAL A 9 -9.05 -23.84 -9.38
N SER A 10 -8.23 -24.73 -9.96
CA SER A 10 -6.78 -24.72 -9.73
C SER A 10 -6.00 -24.44 -11.00
N ASN A 11 -4.76 -23.92 -10.81
CA ASN A 11 -3.88 -23.64 -11.92
C ASN A 11 -4.55 -22.73 -12.94
N VAL A 12 -5.18 -21.70 -12.40
CA VAL A 12 -5.73 -20.63 -13.21
C VAL A 12 -4.87 -19.38 -13.03
N GLN A 13 -5.10 -18.39 -13.90
CA GLN A 13 -4.48 -17.08 -13.73
C GLN A 13 -5.56 -16.03 -13.72
N ILE A 14 -5.38 -14.99 -12.90
CA ILE A 14 -6.30 -13.87 -12.89
C ILE A 14 -5.89 -12.97 -14.06
N ASN A 15 -6.68 -12.98 -15.13
CA ASN A 15 -6.34 -12.24 -16.33
C ASN A 15 -7.26 -11.06 -16.53
N ASN A 16 -8.13 -10.74 -15.59
CA ASN A 16 -8.93 -9.52 -15.63
C ASN A 16 -9.35 -9.17 -14.23
N LEU A 17 -9.66 -7.91 -14.00
N LEU A 17 -9.68 -7.90 -14.01
CA LEU A 17 -10.10 -7.41 -12.71
CA LEU A 17 -10.05 -7.37 -12.70
C LEU A 17 -11.16 -6.34 -12.93
C LEU A 17 -11.04 -6.23 -12.83
N SER A 18 -12.09 -6.25 -12.01
CA SER A 18 -13.03 -5.15 -11.92
C SER A 18 -13.05 -4.61 -10.51
N TYR A 19 -13.14 -3.30 -10.32
CA TYR A 19 -13.39 -2.68 -9.03
C TYR A 19 -14.41 -1.57 -9.25
N GLY A 20 -15.43 -1.52 -8.41
CA GLY A 20 -16.43 -0.48 -8.59
C GLY A 20 -17.20 -0.20 -7.33
N VAL A 21 -18.00 0.84 -7.42
CA VAL A 21 -18.95 1.23 -6.39
C VAL A 21 -20.37 1.14 -6.94
N TYR A 22 -21.32 0.77 -6.11
CA TYR A 22 -22.61 0.39 -6.66
C TYR A 22 -23.64 0.34 -5.54
N THR A 23 -24.84 0.87 -5.82
CA THR A 23 -25.92 0.72 -4.85
C THR A 23 -26.63 -0.61 -5.10
N SER A 24 -26.71 -1.47 -4.09
CA SER A 24 -27.33 -2.80 -4.25
C SER A 24 -28.25 -3.08 -3.07
N GLY A 25 -29.53 -3.35 -3.38
CA GLY A 25 -30.44 -3.65 -2.30
C GLY A 25 -30.57 -2.51 -1.31
N GLY A 26 -30.41 -1.28 -1.75
CA GLY A 26 -30.52 -0.16 -0.80
C GLY A 26 -29.26 0.20 -0.05
N LYS A 27 -28.15 -0.52 -0.20
CA LYS A 27 -26.91 -0.17 0.52
C LYS A 27 -25.85 0.32 -0.47
N GLU A 28 -24.93 1.10 0.06
CA GLU A 28 -23.80 1.61 -0.77
C GLU A 28 -22.69 0.56 -0.66
N THR A 29 -22.34 -0.08 -1.76
CA THR A 29 -21.34 -1.15 -1.70
C THR A 29 -20.09 -0.75 -2.50
N GLN A 30 -18.98 -1.36 -2.12
CA GLN A 30 -17.83 -1.56 -2.98
C GLN A 30 -17.83 -3.02 -3.41
N PHE A 31 -17.31 -3.32 -4.58
CA PHE A 31 -17.10 -4.69 -4.99
C PHE A 31 -15.84 -4.77 -5.82
N PHE A 32 -15.30 -5.96 -5.93
CA PHE A 32 -14.38 -6.28 -6.98
C PHE A 32 -14.68 -7.65 -7.48
N CYS A 33 -14.25 -7.92 -8.70
CA CYS A 33 -14.36 -9.23 -9.27
C CYS A 33 -13.05 -9.57 -9.94
N ILE A 34 -12.81 -10.87 -10.00
CA ILE A 34 -11.67 -11.41 -10.72
C ILE A 34 -12.14 -12.19 -11.91
N GLY A 35 -11.45 -12.02 -13.03
CA GLY A 35 -11.66 -12.83 -14.22
C GLY A 35 -10.52 -13.78 -14.41
N LEU A 36 -10.83 -15.01 -14.83
CA LEU A 36 -9.84 -16.07 -14.90
C LEU A 36 -9.66 -16.61 -16.29
N LYS A 37 -8.48 -17.19 -16.52
CA LYS A 37 -8.23 -18.10 -17.65
C LYS A 37 -7.51 -19.31 -17.10
N HIS A 38 -7.52 -20.38 -17.87
CA HIS A 38 -6.81 -21.62 -17.49
C HIS A 38 -5.68 -21.83 -18.47
N GLY A 39 -4.59 -21.10 -18.25
CA GLY A 39 -3.43 -21.15 -19.14
C GLY A 39 -3.77 -20.58 -20.49
N SER A 40 -3.78 -21.44 -21.49
CA SER A 40 -4.11 -21.01 -22.86
C SER A 40 -5.59 -21.10 -23.18
N GLU A 41 -6.41 -21.59 -22.24
CA GLU A 41 -7.81 -21.75 -22.63
C GLU A 41 -8.73 -21.00 -21.67
N ALA A 42 -9.95 -20.75 -22.14
CA ALA A 42 -10.93 -20.10 -21.30
C ALA A 42 -11.39 -21.10 -20.21
N ILE A 43 -11.96 -20.55 -19.17
CA ILE A 43 -12.63 -21.39 -18.17
C ILE A 43 -14.00 -20.78 -17.94
N SER A 44 -15.06 -21.61 -17.97
CA SER A 44 -16.40 -21.01 -17.89
C SER A 44 -16.87 -20.79 -16.44
N ILE A 45 -16.13 -21.29 -15.46
CA ILE A 45 -16.27 -20.83 -14.09
C ILE A 45 -15.26 -19.68 -14.00
N ASN A 46 -15.61 -18.52 -14.57
CA ASN A 46 -14.45 -17.62 -14.81
C ASN A 46 -14.51 -16.26 -14.15
N ALA A 47 -15.46 -16.05 -13.19
CA ALA A 47 -15.52 -14.81 -12.49
C ALA A 47 -15.99 -15.05 -11.06
N MET A 48 -15.46 -14.30 -10.11
CA MET A 48 -15.83 -14.49 -8.70
C MET A 48 -15.68 -13.10 -8.06
N CYS A 49 -16.56 -12.69 -7.17
CA CYS A 49 -16.59 -11.32 -6.65
C CYS A 49 -16.58 -11.32 -5.15
N LYS A 50 -16.24 -10.18 -4.60
CA LYS A 50 -16.32 -9.91 -3.18
C LYS A 50 -16.93 -8.53 -2.99
N VAL A 51 -17.76 -8.37 -1.98
CA VAL A 51 -18.55 -7.17 -1.73
C VAL A 51 -18.27 -6.76 -0.29
N ASP A 52 -18.07 -5.47 -0.04
CA ASP A 52 -17.64 -5.08 1.32
C ASP A 52 -18.73 -5.24 2.36
N VAL A 53 -19.99 -5.06 1.99
CA VAL A 53 -21.04 -5.01 2.99
C VAL A 53 -22.08 -6.12 2.81
N TYR A 54 -21.83 -7.06 1.93
CA TYR A 54 -22.69 -8.22 1.76
C TYR A 54 -21.79 -9.44 1.60
N GLY A 55 -22.37 -10.61 1.87
CA GLY A 55 -21.69 -11.88 1.66
C GLY A 55 -21.64 -12.69 2.93
N ASN A 56 -21.17 -13.90 2.75
CA ASN A 56 -20.96 -14.82 3.89
C ASN A 56 -19.78 -14.42 4.73
N HIS A 57 -18.82 -13.71 4.17
CA HIS A 57 -17.60 -13.34 4.92
C HIS A 57 -17.28 -11.92 4.47
N LYS A 58 -17.74 -10.92 5.21
CA LYS A 58 -17.53 -9.54 4.79
C LYS A 58 -16.14 -9.00 5.11
N GLN A 59 -15.43 -9.65 6.05
CA GLN A 59 -14.08 -9.24 6.41
C GLN A 59 -13.14 -9.41 5.21
N GLY A 60 -12.00 -8.70 5.27
CA GLY A 60 -10.94 -8.90 4.32
C GLY A 60 -11.15 -8.28 2.98
N PHE A 61 -12.05 -7.30 2.83
CA PHE A 61 -12.26 -6.70 1.51
C PHE A 61 -10.97 -6.13 0.94
N ASP A 62 -10.28 -5.29 1.70
CA ASP A 62 -9.11 -4.61 1.17
C ASP A 62 -8.01 -5.61 0.95
N ASN A 63 -7.80 -6.54 1.90
CA ASN A 63 -6.72 -7.50 1.71
C ASN A 63 -6.98 -8.42 0.54
N MET A 64 -8.24 -8.86 0.34
CA MET A 64 -8.50 -9.71 -0.83
C MET A 64 -8.31 -8.92 -2.12
N LEU A 65 -8.76 -7.67 -2.15
CA LEU A 65 -8.60 -6.84 -3.36
C LEU A 65 -7.11 -6.68 -3.67
N ASN A 66 -6.30 -6.40 -2.66
CA ASN A 66 -4.87 -6.23 -2.89
C ASN A 66 -4.21 -7.51 -3.33
N THR A 67 -4.69 -8.63 -2.81
CA THR A 67 -4.15 -9.92 -3.23
C THR A 67 -4.53 -10.20 -4.68
N ALA A 68 -5.79 -9.96 -5.05
CA ALA A 68 -6.20 -10.18 -6.44
C ALA A 68 -5.38 -9.32 -7.39
N LYS A 69 -5.15 -8.07 -7.03
CA LYS A 69 -4.41 -7.17 -7.89
C LYS A 69 -2.98 -7.65 -8.05
N TYR A 70 -2.42 -8.19 -6.97
CA TYR A 70 -1.07 -8.76 -7.01
C TYR A 70 -0.97 -9.87 -8.04
N TYR A 71 -1.92 -10.86 -8.00
CA TYR A 71 -1.80 -11.93 -8.99
C TYR A 71 -2.17 -11.52 -10.41
N TYR A 72 -3.03 -10.51 -10.58
CA TYR A 72 -3.23 -9.95 -11.90
C TYR A 72 -1.91 -9.39 -12.44
N THR A 73 -1.10 -8.78 -11.57
CA THR A 73 0.19 -8.22 -11.99
C THR A 73 1.15 -9.34 -12.36
N THR A 74 1.25 -10.34 -11.50
CA THR A 74 2.28 -11.35 -11.74
C THR A 74 1.87 -12.33 -12.81
N GLY A 75 0.56 -12.54 -13.01
CA GLY A 75 0.09 -13.59 -13.91
C GLY A 75 0.39 -14.98 -13.39
N GLY A 76 0.70 -15.10 -12.10
CA GLY A 76 1.06 -16.39 -11.51
C GLY A 76 -0.10 -17.38 -11.48
N ASP A 77 0.28 -18.67 -11.42
CA ASP A 77 -0.69 -19.72 -11.25
C ASP A 77 -1.25 -19.72 -9.84
N VAL A 78 -2.57 -19.77 -9.73
CA VAL A 78 -3.25 -19.77 -8.45
C VAL A 78 -4.40 -20.77 -8.43
N ARG A 79 -4.87 -21.05 -7.22
CA ARG A 79 -6.13 -21.72 -7.00
C ARG A 79 -7.06 -20.69 -6.37
N ILE A 80 -8.31 -20.69 -6.87
CA ILE A 80 -9.36 -19.80 -6.38
C ILE A 80 -10.39 -20.67 -5.66
N TYR A 81 -10.62 -20.35 -4.38
CA TYR A 81 -11.73 -20.96 -3.63
C TYR A 81 -12.89 -20.00 -3.68
N TYR A 82 -14.11 -20.53 -3.88
CA TYR A 82 -15.24 -19.62 -4.02
C TYR A 82 -16.50 -20.33 -3.53
N LYS A 83 -17.55 -19.57 -3.29
CA LYS A 83 -18.82 -20.13 -2.83
C LYS A 83 -19.88 -19.80 -3.86
N GLU A 84 -20.70 -20.79 -4.15
N GLU A 84 -20.61 -20.82 -4.31
CA GLU A 84 -21.75 -20.70 -5.16
CA GLU A 84 -21.64 -20.63 -5.34
C GLU A 84 -22.95 -19.91 -4.67
C GLU A 84 -22.90 -20.03 -4.76
N ASN A 85 -23.64 -19.31 -5.63
CA ASN A 85 -25.03 -18.89 -5.40
C ASN A 85 -25.14 -17.90 -4.23
N VAL A 86 -24.23 -16.93 -4.18
CA VAL A 86 -24.23 -15.93 -3.10
C VAL A 86 -24.93 -14.63 -3.51
N TRP A 87 -24.49 -14.02 -4.61
CA TRP A 87 -25.00 -12.69 -4.98
C TRP A 87 -26.39 -12.85 -5.58
N ARG A 88 -27.37 -12.14 -5.01
CA ARG A 88 -28.76 -12.27 -5.41
C ARG A 88 -29.31 -11.06 -6.12
N ASP A 89 -28.59 -9.95 -6.20
CA ASP A 89 -29.04 -8.85 -7.01
C ASP A 89 -28.97 -9.30 -8.47
N PRO A 90 -30.10 -9.37 -9.17
CA PRO A 90 -30.08 -9.98 -10.51
C PRO A 90 -29.25 -9.17 -11.50
N ASP A 91 -29.19 -7.83 -11.35
CA ASP A 91 -28.39 -7.04 -12.29
C ASP A 91 -26.91 -7.28 -12.04
N PHE A 92 -26.52 -7.39 -10.78
CA PHE A 92 -25.12 -7.64 -10.44
C PHE A 92 -24.68 -9.03 -10.88
N LYS A 93 -25.53 -10.04 -10.62
CA LYS A 93 -25.11 -11.39 -10.94
C LYS A 93 -25.06 -11.61 -12.44
N SER A 94 -25.92 -10.92 -13.21
CA SER A 94 -25.88 -11.01 -14.65
C SER A 94 -24.60 -10.35 -15.21
N ALA A 95 -24.19 -9.22 -14.65
CA ALA A 95 -23.03 -8.47 -15.15
C ALA A 95 -21.70 -9.09 -14.74
N PHE A 96 -21.66 -9.60 -13.51
CA PHE A 96 -20.41 -10.07 -12.92
C PHE A 96 -20.58 -11.55 -12.65
N SER A 97 -21.03 -11.89 -11.44
CA SER A 97 -21.14 -13.32 -11.09
C SER A 97 -22.05 -13.56 -9.88
N SER A 98 -22.51 -14.82 -9.66
CA SER A 98 -23.16 -15.16 -8.38
C SER A 98 -22.16 -15.61 -7.29
N ARG A 99 -20.91 -15.81 -7.67
CA ARG A 99 -19.95 -16.49 -6.76
C ARG A 99 -19.21 -15.52 -5.84
N GLU A 100 -19.09 -15.90 -4.58
CA GLU A 100 -18.29 -15.13 -3.61
C GLU A 100 -16.87 -15.67 -3.53
N LEU A 101 -15.90 -14.81 -3.71
CA LEU A 101 -14.48 -15.18 -3.57
C LEU A 101 -14.14 -15.46 -2.12
N ILE A 102 -13.54 -16.62 -1.85
CA ILE A 102 -13.21 -17.07 -0.48
C ILE A 102 -11.70 -17.00 -0.19
N ALA A 103 -10.88 -17.48 -1.15
CA ALA A 103 -9.42 -17.54 -0.89
C ALA A 103 -8.70 -17.59 -2.21
N ILE A 104 -7.46 -17.14 -2.17
CA ILE A 104 -6.54 -17.24 -3.29
C ILE A 104 -5.27 -17.88 -2.76
N THR A 105 -4.82 -18.98 -3.38
CA THR A 105 -3.57 -19.63 -2.95
C THR A 105 -2.70 -19.83 -4.19
N THR A 106 -1.39 -19.99 -3.96
CA THR A 106 -0.48 -20.15 -5.10
C THR A 106 -0.28 -21.58 -5.50
N CYS A 107 0.10 -21.77 -6.74
CA CYS A 107 0.50 -23.06 -7.29
C CYS A 107 1.97 -23.04 -7.65
N SER A 108 2.75 -23.90 -7.07
CA SER A 108 4.16 -23.93 -7.38
C SER A 108 4.49 -24.98 -8.43
N SER A 109 3.51 -25.75 -8.92
CA SER A 109 3.70 -26.60 -10.08
C SER A 109 2.36 -26.77 -10.77
N SER A 110 2.39 -27.48 -11.90
CA SER A 110 1.16 -27.78 -12.63
C SER A 110 0.25 -28.73 -11.88
N SER A 111 0.74 -29.37 -10.82
CA SER A 111 -0.05 -30.33 -10.07
C SER A 111 -0.24 -29.99 -8.59
N TYR A 112 0.35 -28.92 -8.09
CA TYR A 112 0.30 -28.61 -6.67
C TYR A 112 -0.04 -27.15 -6.45
N CYS A 113 -1.10 -26.89 -5.68
CA CYS A 113 -1.38 -25.58 -5.12
C CYS A 113 -1.57 -25.70 -3.63
N MET A 114 -1.29 -24.64 -2.89
CA MET A 114 -1.45 -24.70 -1.45
C MET A 114 -2.94 -24.74 -1.11
N GLY A 115 -3.26 -25.37 0.02
CA GLY A 115 -4.59 -25.40 0.56
C GLY A 115 -5.26 -26.74 0.37
N PRO A 116 -6.43 -26.91 0.96
CA PRO A 116 -7.08 -28.23 0.99
C PRO A 116 -7.73 -28.58 -0.33
N THR A 117 -7.76 -29.87 -0.62
CA THR A 117 -8.47 -30.38 -1.79
C THR A 117 -9.55 -31.37 -1.38
N VAL A 118 -10.48 -31.62 -2.29
CA VAL A 118 -11.51 -32.64 -2.06
C VAL A 118 -11.18 -33.94 -2.79
N ALA B 1 -30.72 -3.53 -15.46
CA ALA B 1 -29.30 -3.22 -15.65
C ALA B 1 -28.75 -2.57 -14.36
N MET B 2 -27.43 -2.60 -14.11
CA MET B 2 -26.87 -2.03 -12.88
C MET B 2 -27.00 -0.51 -12.93
N ALA B 3 -27.66 0.07 -11.94
CA ALA B 3 -27.74 1.50 -11.81
C ALA B 3 -26.34 2.13 -11.76
N ASP B 4 -26.15 3.17 -12.57
CA ASP B 4 -24.92 3.94 -12.72
C ASP B 4 -23.83 3.25 -13.54
N TYR B 5 -24.16 2.18 -14.26
CA TYR B 5 -23.21 1.45 -15.11
C TYR B 5 -23.52 1.61 -16.61
N ASP B 6 -24.38 2.54 -16.98
CA ASP B 6 -24.86 2.66 -18.36
C ASP B 6 -23.94 3.51 -19.24
N THR B 7 -22.94 4.17 -18.68
N THR B 7 -23.05 4.30 -18.68
CA THR B 7 -22.15 5.16 -19.42
CA THR B 7 -22.15 5.12 -19.49
C THR B 7 -20.66 4.93 -19.19
C THR B 7 -20.72 4.74 -19.18
N TYR B 8 -19.95 4.48 -20.24
CA TYR B 8 -18.56 4.03 -20.11
C TYR B 8 -17.79 4.30 -21.39
N VAL B 9 -16.47 4.35 -21.26
CA VAL B 9 -15.57 4.35 -22.41
C VAL B 9 -14.65 3.14 -22.24
N SER B 10 -14.41 2.40 -23.30
CA SER B 10 -13.70 1.13 -23.28
C SER B 10 -12.36 1.25 -23.97
N ASN B 11 -11.41 0.39 -23.55
CA ASN B 11 -10.11 0.25 -24.19
C ASN B 11 -9.33 1.55 -24.16
N VAL B 12 -9.43 2.27 -23.06
CA VAL B 12 -8.68 3.51 -22.83
C VAL B 12 -7.50 3.20 -21.93
N GLN B 13 -6.59 4.16 -21.75
CA GLN B 13 -5.51 4.09 -20.79
C GLN B 13 -5.59 5.30 -19.89
N ILE B 14 -5.21 5.12 -18.64
CA ILE B 14 -5.13 6.24 -17.72
C ILE B 14 -3.76 6.86 -17.94
N ASN B 15 -3.71 8.06 -18.56
CA ASN B 15 -2.44 8.70 -18.83
C ASN B 15 -2.16 9.91 -17.97
N ASN B 16 -3.01 10.28 -17.04
CA ASN B 16 -2.76 11.38 -16.12
C ASN B 16 -3.50 11.08 -14.84
N LEU B 17 -2.97 11.56 -13.72
N LEU B 17 -3.10 11.75 -13.77
CA LEU B 17 -3.64 11.56 -12.43
CA LEU B 17 -3.68 11.52 -12.45
C LEU B 17 -3.54 12.93 -11.76
C LEU B 17 -3.45 12.76 -11.58
N SER B 18 -4.50 13.21 -10.88
CA SER B 18 -4.47 14.32 -9.94
C SER B 18 -4.92 13.82 -8.60
N TYR B 19 -4.27 14.28 -7.53
CA TYR B 19 -4.74 14.01 -6.18
C TYR B 19 -4.58 15.30 -5.39
N GLY B 20 -5.60 15.75 -4.68
CA GLY B 20 -5.44 16.93 -3.87
C GLY B 20 -6.42 17.02 -2.73
N VAL B 21 -6.24 18.04 -1.91
CA VAL B 21 -7.10 18.42 -0.81
C VAL B 21 -7.69 19.79 -1.09
N TYR B 22 -8.93 20.01 -0.67
CA TYR B 22 -9.65 21.16 -1.20
C TYR B 22 -10.91 21.40 -0.36
N THR B 23 -11.20 22.66 -0.03
CA THR B 23 -12.44 23.02 0.67
C THR B 23 -13.49 23.27 -0.39
N SER B 24 -14.58 22.52 -0.36
CA SER B 24 -15.62 22.66 -1.40
C SER B 24 -16.96 22.77 -0.71
N GLY B 25 -17.70 23.83 -1.05
CA GLY B 25 -19.01 24.00 -0.46
C GLY B 25 -18.97 23.97 1.05
N GLY B 26 -17.89 24.50 1.64
CA GLY B 26 -17.76 24.62 3.08
C GLY B 26 -17.34 23.35 3.80
N LYS B 27 -16.87 22.34 3.08
CA LYS B 27 -16.44 21.09 3.69
C LYS B 27 -15.04 20.74 3.21
N GLU B 28 -14.28 20.11 4.10
CA GLU B 28 -12.92 19.65 3.75
C GLU B 28 -13.00 18.35 2.94
N THR B 29 -12.42 18.35 1.77
CA THR B 29 -12.44 17.18 0.90
C THR B 29 -11.04 16.70 0.55
N GLN B 30 -10.99 15.45 0.12
CA GLN B 30 -9.97 14.89 -0.75
C GLN B 30 -10.62 14.63 -2.08
N PHE B 31 -9.83 14.72 -3.15
CA PHE B 31 -10.32 14.28 -4.45
C PHE B 31 -9.21 13.69 -5.27
N PHE B 32 -9.58 12.91 -6.25
CA PHE B 32 -8.60 12.52 -7.28
C PHE B 32 -9.34 12.52 -8.62
N CYS B 33 -8.58 12.71 -9.68
CA CYS B 33 -9.15 12.67 -11.04
C CYS B 33 -8.19 11.88 -11.93
N ILE B 34 -8.76 11.12 -12.85
CA ILE B 34 -7.97 10.36 -13.84
C ILE B 34 -8.15 11.08 -15.17
N GLY B 35 -7.08 11.10 -15.93
CA GLY B 35 -7.08 11.60 -17.31
C GLY B 35 -6.88 10.40 -18.23
N LEU B 36 -7.58 10.41 -19.36
CA LEU B 36 -7.53 9.25 -20.28
C LEU B 36 -6.98 9.58 -21.66
N LYS B 37 -6.45 8.55 -22.27
CA LYS B 37 -6.13 8.54 -23.72
C LYS B 37 -6.73 7.24 -24.28
N HIS B 38 -6.76 7.17 -25.59
CA HIS B 38 -7.21 5.95 -26.30
C HIS B 38 -6.17 5.68 -27.37
N GLY B 39 -4.99 5.28 -26.95
CA GLY B 39 -3.88 5.08 -27.90
C GLY B 39 -3.53 6.40 -28.57
N SER B 40 -3.65 6.45 -29.89
N SER B 40 -3.66 6.44 -29.88
CA SER B 40 -3.37 7.71 -30.61
CA SER B 40 -3.37 7.67 -30.67
C SER B 40 -4.66 8.32 -31.12
C SER B 40 -4.67 8.35 -31.07
N GLU B 41 -5.82 7.78 -30.71
CA GLU B 41 -7.14 8.31 -31.12
C GLU B 41 -7.60 9.43 -30.17
N ALA B 42 -7.99 10.59 -30.69
CA ALA B 42 -8.42 11.68 -29.79
C ALA B 42 -9.67 11.31 -29.00
N ILE B 43 -9.62 11.49 -27.69
CA ILE B 43 -10.78 11.19 -26.81
C ILE B 43 -11.18 12.48 -26.08
N SER B 44 -12.44 12.83 -26.15
CA SER B 44 -12.94 14.05 -25.45
C SER B 44 -13.46 13.68 -24.06
N ILE B 45 -13.98 12.48 -23.90
CA ILE B 45 -14.49 11.99 -22.57
C ILE B 45 -13.24 11.51 -21.84
N ASN B 46 -12.50 12.45 -21.27
CA ASN B 46 -11.09 12.16 -20.92
C ASN B 46 -10.72 12.47 -19.47
N ALA B 47 -11.72 12.73 -18.63
CA ALA B 47 -11.43 13.06 -17.22
C ALA B 47 -12.62 12.72 -16.35
N MET B 48 -12.34 12.08 -15.24
CA MET B 48 -13.38 11.62 -14.26
C MET B 48 -12.78 11.72 -12.87
N CYS B 49 -13.60 12.11 -11.91
CA CYS B 49 -13.08 12.35 -10.55
C CYS B 49 -13.90 11.63 -9.48
N LYS B 50 -13.31 11.59 -8.31
CA LYS B 50 -13.97 11.00 -7.14
C LYS B 50 -13.59 11.86 -5.93
N VAL B 51 -14.57 12.07 -5.04
CA VAL B 51 -14.38 12.96 -3.91
C VAL B 51 -14.77 12.18 -2.66
N ASP B 52 -14.00 12.31 -1.59
CA ASP B 52 -14.22 11.43 -0.43
C ASP B 52 -15.54 11.66 0.27
N VAL B 53 -16.07 12.89 0.31
CA VAL B 53 -17.22 13.25 1.12
C VAL B 53 -18.38 13.76 0.28
N TYR B 54 -18.27 13.71 -1.04
CA TYR B 54 -19.33 14.16 -1.94
C TYR B 54 -19.51 13.11 -3.03
N GLY B 55 -20.60 13.22 -3.77
CA GLY B 55 -20.85 12.37 -4.91
C GLY B 55 -22.03 11.44 -4.69
N ASN B 56 -22.38 10.73 -5.77
CA ASN B 56 -23.39 9.70 -5.67
C ASN B 56 -22.90 8.50 -4.88
N HIS B 57 -21.59 8.25 -4.82
CA HIS B 57 -21.09 7.10 -4.05
C HIS B 57 -19.82 7.56 -3.36
N LYS B 58 -19.89 7.76 -2.05
CA LYS B 58 -18.72 8.22 -1.30
C LYS B 58 -17.77 7.09 -0.96
N GLN B 59 -18.30 5.86 -0.95
CA GLN B 59 -17.45 4.72 -0.54
C GLN B 59 -16.30 4.49 -1.52
N GLY B 60 -15.26 3.83 -1.03
CA GLY B 60 -14.23 3.33 -1.90
C GLY B 60 -13.22 4.40 -2.34
N PHE B 61 -13.12 5.51 -1.60
CA PHE B 61 -12.17 6.54 -2.04
C PHE B 61 -10.75 6.01 -2.19
N ASP B 62 -10.21 5.42 -1.12
CA ASP B 62 -8.82 4.94 -1.15
C ASP B 62 -8.65 3.81 -2.13
N ASN B 63 -9.60 2.88 -2.14
CA ASN B 63 -9.45 1.75 -3.06
C ASN B 63 -9.51 2.21 -4.52
N MET B 64 -10.43 3.10 -4.86
CA MET B 64 -10.49 3.60 -6.24
C MET B 64 -9.22 4.38 -6.59
N LEU B 65 -8.69 5.19 -5.65
CA LEU B 65 -7.44 5.90 -5.91
C LEU B 65 -6.30 4.93 -6.18
N ASN B 66 -6.18 3.91 -5.33
CA ASN B 66 -5.10 2.96 -5.54
C ASN B 66 -5.25 2.21 -6.83
N THR B 67 -6.48 1.89 -7.21
CA THR B 67 -6.73 1.20 -8.47
C THR B 67 -6.36 2.09 -9.66
N ALA B 68 -6.77 3.35 -9.61
CA ALA B 68 -6.40 4.29 -10.68
C ALA B 68 -4.88 4.44 -10.79
N LYS B 69 -4.19 4.55 -9.66
CA LYS B 69 -2.73 4.65 -9.67
C LYS B 69 -2.10 3.42 -10.26
N TYR B 70 -2.66 2.25 -9.94
CA TYR B 70 -2.14 1.02 -10.52
C TYR B 70 -2.19 1.07 -12.05
N TYR B 71 -3.34 1.41 -12.65
CA TYR B 71 -3.44 1.39 -14.11
C TYR B 71 -2.63 2.52 -14.74
N TYR B 72 -2.49 3.65 -14.07
CA TYR B 72 -1.56 4.67 -14.58
C TYR B 72 -0.16 4.08 -14.70
N THR B 73 0.25 3.29 -13.71
CA THR B 73 1.57 2.65 -13.74
C THR B 73 1.70 1.65 -14.88
N THR B 74 0.71 0.79 -15.05
CA THR B 74 0.87 -0.23 -16.08
C THR B 74 0.64 0.29 -17.49
N GLY B 75 -0.14 1.33 -17.65
CA GLY B 75 -0.59 1.74 -18.99
C GLY B 75 -1.54 0.76 -19.66
N GLY B 76 -2.12 -0.19 -18.90
CA GLY B 76 -2.96 -1.21 -19.49
C GLY B 76 -4.31 -0.68 -19.95
N ASP B 77 -4.96 -1.44 -20.81
CA ASP B 77 -6.27 -1.04 -21.31
C ASP B 77 -7.35 -1.33 -20.28
N VAL B 78 -8.20 -0.36 -20.05
CA VAL B 78 -9.29 -0.44 -19.08
C VAL B 78 -10.57 0.09 -19.71
N ARG B 79 -11.67 -0.23 -19.07
CA ARG B 79 -12.97 0.42 -19.29
C ARG B 79 -13.29 1.26 -18.05
N ILE B 80 -13.70 2.51 -18.30
CA ILE B 80 -14.09 3.42 -17.25
C ILE B 80 -15.61 3.58 -17.28
N TYR B 81 -16.25 3.28 -16.17
CA TYR B 81 -17.68 3.60 -15.94
C TYR B 81 -17.77 4.89 -15.18
N TYR B 82 -18.61 5.82 -15.64
CA TYR B 82 -18.67 7.13 -15.02
C TYR B 82 -20.07 7.67 -15.14
N LYS B 83 -20.35 8.73 -14.39
CA LYS B 83 -21.63 9.42 -14.42
C LYS B 83 -21.41 10.88 -14.77
N GLU B 84 -22.10 11.37 -15.79
CA GLU B 84 -21.98 12.76 -16.20
C GLU B 84 -22.68 13.71 -15.22
N ASN B 85 -22.22 14.96 -15.23
CA ASN B 85 -22.98 16.05 -14.60
C ASN B 85 -23.20 15.87 -13.11
N VAL B 86 -22.14 15.47 -12.42
CA VAL B 86 -22.24 15.25 -10.97
C VAL B 86 -21.73 16.46 -10.18
N TRP B 87 -20.48 16.83 -10.35
CA TRP B 87 -19.90 17.88 -9.46
C TRP B 87 -20.59 19.23 -9.67
N ARG B 88 -21.08 19.79 -8.57
CA ARG B 88 -21.84 21.08 -8.62
C ARG B 88 -20.97 22.27 -8.18
N ASP B 89 -19.80 22.03 -7.59
CA ASP B 89 -18.91 23.17 -7.27
C ASP B 89 -18.44 23.61 -8.60
N PRO B 90 -18.70 24.92 -9.25
CA PRO B 90 -18.34 25.34 -10.61
C PRO B 90 -16.84 25.52 -10.79
N ASP B 91 -16.14 25.88 -9.72
CA ASP B 91 -14.69 26.01 -9.79
C ASP B 91 -14.03 24.64 -10.01
N PHE B 92 -14.53 23.63 -9.32
CA PHE B 92 -13.96 22.29 -9.47
C PHE B 92 -14.25 21.72 -10.85
N LYS B 93 -15.52 21.83 -11.24
CA LYS B 93 -16.02 21.31 -12.55
C LYS B 93 -15.18 21.90 -13.68
N SER B 94 -14.90 23.20 -13.62
CA SER B 94 -14.13 23.87 -14.66
C SER B 94 -12.66 23.45 -14.60
N ALA B 95 -12.12 23.18 -13.40
CA ALA B 95 -10.70 22.83 -13.28
C ALA B 95 -10.43 21.40 -13.68
N PHE B 96 -11.41 20.51 -13.47
CA PHE B 96 -11.18 19.07 -13.50
C PHE B 96 -12.26 18.50 -14.40
N SER B 97 -13.38 18.09 -13.85
CA SER B 97 -14.42 17.55 -14.70
C SER B 97 -15.73 17.60 -13.92
N SER B 98 -16.89 17.45 -14.62
CA SER B 98 -18.14 17.20 -13.90
C SER B 98 -18.37 15.72 -13.60
N ARG B 99 -17.58 14.82 -14.16
CA ARG B 99 -17.93 13.40 -14.19
C ARG B 99 -17.45 12.70 -12.89
N GLU B 100 -18.30 11.81 -12.34
CA GLU B 100 -17.92 10.96 -11.21
C GLU B 100 -17.46 9.60 -11.73
N LEU B 101 -16.33 9.15 -11.20
CA LEU B 101 -15.80 7.84 -11.53
C LEU B 101 -16.58 6.78 -10.72
N ILE B 102 -17.08 5.76 -11.42
CA ILE B 102 -17.90 4.69 -10.82
C ILE B 102 -17.16 3.37 -10.74
N ALA B 103 -16.43 2.99 -11.76
CA ALA B 103 -15.75 1.69 -11.79
C ALA B 103 -14.64 1.69 -12.81
N ILE B 104 -13.63 0.86 -12.56
CA ILE B 104 -12.55 0.62 -13.50
C ILE B 104 -12.44 -0.87 -13.67
N THR B 105 -12.52 -1.35 -14.92
CA THR B 105 -12.36 -2.77 -15.22
C THR B 105 -11.27 -2.93 -16.26
N THR B 106 -10.68 -4.09 -16.37
CA THR B 106 -9.64 -4.33 -17.35
C THR B 106 -10.18 -4.84 -18.65
N CYS B 107 -9.44 -4.56 -19.71
CA CYS B 107 -9.72 -5.13 -21.03
C CYS B 107 -8.62 -6.09 -21.44
N SER B 108 -8.98 -7.33 -21.75
CA SER B 108 -8.00 -8.31 -22.18
C SER B 108 -7.88 -8.40 -23.68
N SER B 109 -8.80 -7.76 -24.42
CA SER B 109 -8.70 -7.68 -25.87
C SER B 109 -9.40 -6.40 -26.33
N SER B 110 -9.34 -6.14 -27.65
CA SER B 110 -9.99 -4.95 -28.23
C SER B 110 -11.50 -5.02 -28.10
N SER B 111 -12.08 -6.22 -27.94
CA SER B 111 -13.52 -6.33 -27.71
C SER B 111 -13.90 -6.52 -26.25
N TYR B 112 -13.11 -7.21 -25.45
CA TYR B 112 -13.63 -7.61 -24.18
C TYR B 112 -12.99 -6.80 -23.07
N CYS B 113 -13.85 -6.17 -22.24
CA CYS B 113 -13.40 -5.70 -20.93
C CYS B 113 -14.46 -6.22 -19.98
N MET B 114 -14.08 -6.45 -18.73
CA MET B 114 -15.08 -6.95 -17.78
C MET B 114 -16.18 -5.93 -17.53
N GLY B 115 -17.36 -6.42 -17.11
CA GLY B 115 -18.44 -5.58 -16.67
C GLY B 115 -19.58 -5.54 -17.68
N PRO B 116 -20.69 -4.93 -17.30
CA PRO B 116 -21.87 -4.92 -18.16
C PRO B 116 -21.70 -3.97 -19.33
N THR B 117 -22.36 -4.29 -20.43
CA THR B 117 -22.40 -3.41 -21.58
C THR B 117 -23.85 -3.13 -21.93
N VAL B 118 -24.04 -2.01 -22.61
CA VAL B 118 -25.41 -1.67 -23.05
C VAL B 118 -25.72 -2.26 -24.44
N ALA C 1 16.56 24.34 17.18
CA ALA C 1 16.61 23.18 16.27
C ALA C 1 15.38 22.31 16.47
N MET C 2 15.09 21.39 15.52
CA MET C 2 13.98 20.46 15.69
C MET C 2 14.39 19.45 16.78
N ALA C 3 13.55 19.40 17.82
CA ALA C 3 13.71 18.39 18.86
C ALA C 3 13.72 17.01 18.26
N ASP C 4 14.63 16.14 18.75
CA ASP C 4 14.83 14.77 18.31
C ASP C 4 15.42 14.59 16.93
N TYR C 5 15.97 15.65 16.30
CA TYR C 5 16.58 15.59 14.98
C TYR C 5 18.09 15.84 14.99
N ASP C 6 18.70 15.77 16.16
CA ASP C 6 20.13 16.11 16.30
C ASP C 6 21.07 14.94 16.06
N THR C 7 20.56 13.76 15.89
N THR C 7 20.60 13.74 16.10
CA THR C 7 21.40 12.58 15.85
CA THR C 7 21.46 12.59 15.83
C THR C 7 21.00 11.73 14.67
C THR C 7 20.94 11.89 14.59
N TYR C 8 21.84 11.67 13.64
CA TYR C 8 21.50 11.05 12.39
C TYR C 8 22.73 10.42 11.81
N VAL C 9 22.52 9.55 10.85
CA VAL C 9 23.58 9.03 10.01
C VAL C 9 23.22 9.24 8.55
N SER C 10 24.16 9.72 7.77
CA SER C 10 23.90 10.19 6.42
C SER C 10 24.53 9.28 5.39
N ASN C 11 23.94 9.27 4.17
CA ASN C 11 24.49 8.56 3.01
C ASN C 11 24.65 7.07 3.32
N VAL C 12 23.64 6.49 3.95
CA VAL C 12 23.62 5.06 4.23
C VAL C 12 22.59 4.37 3.32
N GLN C 13 22.64 3.05 3.30
CA GLN C 13 21.60 2.25 2.66
C GLN C 13 21.01 1.30 3.68
N ILE C 14 19.70 1.07 3.57
CA ILE C 14 19.02 0.08 4.39
C ILE C 14 19.27 -1.27 3.72
N ASN C 15 20.06 -2.11 4.37
CA ASN C 15 20.42 -3.41 3.80
C ASN C 15 19.86 -4.60 4.59
N ASN C 16 19.06 -4.37 5.63
CA ASN C 16 18.38 -5.46 6.29
C ASN C 16 17.12 -4.89 6.94
N LEU C 17 16.14 -5.77 7.18
N LEU C 17 16.12 -5.78 7.12
CA LEU C 17 14.89 -5.30 7.75
CA LEU C 17 14.83 -5.43 7.70
C LEU C 17 14.28 -6.44 8.55
C LEU C 17 14.40 -6.52 8.66
N SER C 18 13.69 -6.12 9.70
CA SER C 18 12.97 -7.08 10.53
C SER C 18 11.59 -6.55 10.83
N TYR C 19 10.57 -7.41 10.84
CA TYR C 19 9.25 -7.03 11.33
C TYR C 19 8.73 -8.18 12.19
N GLY C 20 8.15 -7.82 13.33
CA GLY C 20 7.59 -8.87 14.19
C GLY C 20 6.62 -8.33 15.19
N VAL C 21 6.04 -9.31 15.90
CA VAL C 21 5.13 -9.01 17.00
C VAL C 21 5.76 -9.50 18.30
N TYR C 22 5.40 -8.84 19.40
CA TYR C 22 6.11 -9.09 20.66
C TYR C 22 5.28 -8.58 21.83
N THR C 23 5.15 -9.39 22.89
CA THR C 23 4.49 -8.92 24.09
C THR C 23 5.47 -8.19 24.96
N SER C 24 5.12 -7.01 25.47
CA SER C 24 6.01 -6.27 26.37
C SER C 24 5.20 -5.51 27.42
N GLY C 25 5.46 -5.75 28.70
CA GLY C 25 4.79 -4.90 29.69
C GLY C 25 3.28 -5.03 29.66
N GLY C 26 2.77 -6.23 29.37
CA GLY C 26 1.33 -6.44 29.32
C GLY C 26 0.67 -5.88 28.09
N LYS C 27 1.43 -5.34 27.11
CA LYS C 27 0.88 -4.79 25.87
C LYS C 27 1.33 -5.66 24.72
N GLU C 28 0.47 -5.83 23.76
CA GLU C 28 0.82 -6.52 22.53
C GLU C 28 1.39 -5.49 21.55
N THR C 29 2.60 -5.70 21.06
CA THR C 29 3.21 -4.69 20.22
C THR C 29 3.50 -5.29 18.85
N GLN C 30 3.71 -4.36 17.90
CA GLN C 30 4.42 -4.64 16.66
C GLN C 30 5.73 -3.85 16.70
N PHE C 31 6.74 -4.35 16.01
CA PHE C 31 7.95 -3.54 15.85
C PHE C 31 8.57 -3.85 14.50
N PHE C 32 9.41 -2.93 14.08
CA PHE C 32 10.29 -3.24 12.93
C PHE C 32 11.64 -2.60 13.20
N CYS C 33 12.65 -3.18 12.59
CA CYS C 33 14.04 -2.66 12.70
C CYS C 33 14.69 -2.65 11.34
N ILE C 34 15.53 -1.63 11.15
CA ILE C 34 16.32 -1.49 9.90
C ILE C 34 17.79 -1.69 10.25
N GLY C 35 18.48 -2.35 9.34
CA GLY C 35 19.94 -2.51 9.38
C GLY C 35 20.55 -1.63 8.29
N LEU C 36 21.73 -1.09 8.57
CA LEU C 36 22.37 -0.13 7.63
C LEU C 36 23.79 -0.55 7.23
N LYS C 37 24.15 -0.04 6.07
CA LYS C 37 25.56 -0.09 5.62
C LYS C 37 25.88 1.28 5.00
N HIS C 38 27.17 1.56 4.87
CA HIS C 38 27.60 2.82 4.23
C HIS C 38 28.42 2.36 3.04
N GLY C 39 27.75 2.16 1.91
CA GLY C 39 28.42 1.57 0.73
C GLY C 39 28.98 0.21 1.07
N SER C 40 30.30 0.04 0.96
CA SER C 40 30.99 -1.23 1.22
C SER C 40 31.45 -1.27 2.66
N GLU C 41 31.16 -0.23 3.43
CA GLU C 41 31.65 -0.19 4.82
C GLU C 41 30.55 -0.52 5.84
N ALA C 42 30.99 -1.13 6.91
CA ALA C 42 30.11 -1.45 8.05
C ALA C 42 30.14 -0.20 8.93
N ILE C 43 29.04 0.15 9.56
CA ILE C 43 29.16 1.36 10.39
C ILE C 43 28.83 1.03 11.83
N SER C 44 29.18 1.97 12.70
CA SER C 44 28.95 1.85 14.14
C SER C 44 27.45 1.85 14.44
N ILE C 45 26.78 2.88 13.98
CA ILE C 45 25.32 3.03 14.26
C ILE C 45 24.59 2.31 13.14
N ASN C 46 24.34 1.03 13.28
CA ASN C 46 23.85 0.31 12.07
C ASN C 46 22.47 -0.32 12.27
N ALA C 47 21.76 0.08 13.31
CA ALA C 47 20.41 -0.50 13.50
C ALA C 47 19.56 0.41 14.37
N MET C 48 18.29 0.45 14.01
CA MET C 48 17.33 1.28 14.76
C MET C 48 15.91 0.72 14.52
N CYS C 49 15.06 0.94 15.50
CA CYS C 49 13.73 0.28 15.47
C CYS C 49 12.60 1.23 15.85
N LYS C 50 11.39 0.82 15.49
CA LYS C 50 10.17 1.58 15.87
C LYS C 50 9.16 0.55 16.38
N VAL C 51 8.39 0.95 17.38
CA VAL C 51 7.45 0.05 18.05
C VAL C 51 6.11 0.78 18.06
N ASP C 52 5.02 0.08 17.77
CA ASP C 52 3.76 0.78 17.55
C ASP C 52 3.21 1.41 18.83
N VAL C 53 3.43 0.81 20.01
CA VAL C 53 2.76 1.28 21.22
C VAL C 53 3.75 1.66 22.31
N TYR C 54 5.02 1.81 21.97
CA TYR C 54 6.07 2.33 22.87
C TYR C 54 6.91 3.32 22.09
N GLY C 55 7.67 4.11 22.85
CA GLY C 55 8.64 5.02 22.30
C GLY C 55 8.26 6.47 22.52
N ASN C 56 9.16 7.34 22.09
CA ASN C 56 8.88 8.77 22.22
C ASN C 56 7.84 9.26 21.23
N HIS C 57 7.67 8.57 20.12
CA HIS C 57 6.72 9.01 19.10
C HIS C 57 6.00 7.78 18.58
N LYS C 58 4.80 7.49 19.11
CA LYS C 58 4.11 6.24 18.77
C LYS C 58 3.42 6.33 17.41
N GLN C 59 3.14 7.54 16.94
CA GLN C 59 2.46 7.75 15.67
C GLN C 59 3.33 7.28 14.50
N GLY C 60 2.70 7.02 13.37
CA GLY C 60 3.43 6.78 12.14
C GLY C 60 4.03 5.41 11.98
N PHE C 61 3.55 4.39 12.71
CA PHE C 61 4.16 3.07 12.59
C PHE C 61 4.09 2.56 11.17
N ASP C 62 2.88 2.53 10.60
CA ASP C 62 2.72 1.95 9.28
C ASP C 62 3.45 2.79 8.24
N ASN C 63 3.33 4.11 8.30
CA ASN C 63 4.01 4.94 7.30
C ASN C 63 5.52 4.80 7.41
N MET C 64 6.09 4.71 8.63
CA MET C 64 7.53 4.50 8.76
C MET C 64 7.92 3.15 8.21
N LEU C 65 7.14 2.12 8.52
CA LEU C 65 7.45 0.77 8.03
C LEU C 65 7.46 0.74 6.51
N ASN C 66 6.43 1.33 5.90
CA ASN C 66 6.35 1.32 4.45
C ASN C 66 7.51 2.08 3.85
N THR C 67 7.90 3.17 4.47
CA THR C 67 9.02 3.96 3.97
C THR C 67 10.34 3.19 4.08
N ALA C 68 10.55 2.52 5.22
CA ALA C 68 11.76 1.68 5.35
C ALA C 68 11.80 0.56 4.36
N LYS C 69 10.68 -0.12 4.16
CA LYS C 69 10.65 -1.20 3.18
C LYS C 69 10.97 -0.68 1.78
N TYR C 70 10.45 0.51 1.44
CA TYR C 70 10.71 1.11 0.14
C TYR C 70 12.20 1.28 -0.10
N TYR C 71 12.91 1.87 0.89
CA TYR C 71 14.35 2.08 0.70
C TYR C 71 15.16 0.80 0.78
N TYR C 72 14.70 -0.20 1.52
CA TYR C 72 15.36 -1.49 1.44
C TYR C 72 15.25 -2.04 0.01
N THR C 73 14.09 -1.83 -0.62
CA THR C 73 13.92 -2.33 -1.98
C THR C 73 14.78 -1.54 -2.97
N THR C 74 14.77 -0.21 -2.90
CA THR C 74 15.50 0.55 -3.91
C THR C 74 16.99 0.50 -3.67
N GLY C 75 17.43 0.29 -2.43
CA GLY C 75 18.83 0.45 -2.05
C GLY C 75 19.35 1.86 -2.13
N GLY C 76 18.46 2.86 -2.17
CA GLY C 76 18.89 4.24 -2.35
C GLY C 76 19.55 4.81 -1.12
N ASP C 77 20.34 5.88 -1.34
CA ASP C 77 21.03 6.58 -0.25
C ASP C 77 20.07 7.41 0.55
N VAL C 78 20.13 7.25 1.88
CA VAL C 78 19.24 7.93 2.79
C VAL C 78 20.03 8.50 3.97
N ARG C 79 19.36 9.38 4.72
CA ARG C 79 19.78 9.78 6.06
C ARG C 79 18.75 9.24 7.03
N ILE C 80 19.24 8.66 8.10
CA ILE C 80 18.39 8.11 9.16
C ILE C 80 18.53 9.01 10.36
N TYR C 81 17.44 9.58 10.86
CA TYR C 81 17.41 10.27 12.14
C TYR C 81 16.95 9.27 13.20
N TYR C 82 17.60 9.28 14.36
CA TYR C 82 17.29 8.29 15.39
C TYR C 82 17.52 8.92 16.74
N LYS C 83 17.05 8.24 17.79
CA LYS C 83 17.20 8.71 19.15
C LYS C 83 17.84 7.57 19.95
N GLU C 84 18.91 7.88 20.67
CA GLU C 84 19.62 6.89 21.47
C GLU C 84 18.87 6.51 22.74
N ASN C 85 19.12 5.27 23.18
CA ASN C 85 18.76 4.82 24.52
C ASN C 85 17.24 4.84 24.76
N VAL C 86 16.48 4.44 23.75
CA VAL C 86 15.03 4.40 23.92
C VAL C 86 14.56 3.02 24.39
N TRP C 87 14.97 1.96 23.69
CA TRP C 87 14.54 0.60 24.01
C TRP C 87 15.46 0.08 25.10
N ARG C 88 14.90 -0.12 26.26
CA ARG C 88 15.65 -0.42 27.46
C ARG C 88 15.31 -1.82 27.98
N ASP C 89 14.62 -2.64 27.23
CA ASP C 89 14.55 -4.08 27.50
C ASP C 89 15.82 -4.67 26.95
N PRO C 90 16.71 -5.18 27.80
CA PRO C 90 18.00 -5.64 27.30
C PRO C 90 17.92 -6.77 26.33
N ASP C 91 16.90 -7.65 26.42
CA ASP C 91 16.88 -8.72 25.44
C ASP C 91 16.42 -8.23 24.09
N PHE C 92 15.58 -7.21 24.04
CA PHE C 92 15.26 -6.58 22.76
C PHE C 92 16.47 -5.84 22.21
N LYS C 93 17.15 -5.07 23.07
CA LYS C 93 18.33 -4.32 22.64
C LYS C 93 19.43 -5.25 22.12
N SER C 94 19.66 -6.38 22.80
CA SER C 94 20.62 -7.36 22.33
C SER C 94 20.22 -7.94 20.98
N ALA C 95 18.91 -8.23 20.81
CA ALA C 95 18.39 -8.88 19.60
C ALA C 95 18.36 -7.93 18.41
N PHE C 96 18.04 -6.66 18.65
CA PHE C 96 17.71 -5.69 17.62
C PHE C 96 18.49 -4.40 17.90
N SER C 97 17.89 -3.44 18.61
CA SER C 97 18.61 -2.16 18.86
C SER C 97 18.01 -1.40 20.04
N SER C 98 18.77 -0.47 20.62
CA SER C 98 18.28 0.45 21.67
C SER C 98 17.75 1.76 21.04
N ARG C 99 18.05 1.99 19.76
CA ARG C 99 17.71 3.29 19.11
C ARG C 99 16.30 3.30 18.52
N GLU C 100 15.61 4.44 18.66
CA GLU C 100 14.27 4.67 18.05
C GLU C 100 14.43 5.40 16.73
N LEU C 101 13.84 4.85 15.68
CA LEU C 101 13.83 5.48 14.34
C LEU C 101 12.86 6.67 14.36
N ILE C 102 13.40 7.83 13.96
CA ILE C 102 12.66 9.11 14.01
C ILE C 102 12.27 9.61 12.62
N ALA C 103 13.12 9.42 11.60
CA ALA C 103 12.83 9.95 10.27
C ALA C 103 13.74 9.28 9.28
N ILE C 104 13.28 9.25 8.01
CA ILE C 104 14.08 8.77 6.88
C ILE C 104 13.99 9.84 5.81
N THR C 105 15.13 10.34 5.36
CA THR C 105 15.14 11.33 4.28
C THR C 105 16.10 10.84 3.19
N THR C 106 15.98 11.39 2.00
CA THR C 106 16.80 10.92 0.91
C THR C 106 18.06 11.77 0.76
N CYS C 107 19.06 11.16 0.14
CA CYS C 107 20.26 11.86 -0.33
C CYS C 107 20.34 11.78 -1.84
N SER C 108 20.09 12.89 -2.50
CA SER C 108 20.08 12.89 -3.95
C SER C 108 21.49 12.90 -4.53
N SER C 109 22.49 13.18 -3.71
CA SER C 109 23.88 13.10 -4.15
C SER C 109 24.72 12.76 -2.94
N SER C 110 26.01 12.51 -3.21
CA SER C 110 26.91 12.16 -2.13
C SER C 110 27.11 13.34 -1.20
N SER C 111 26.77 14.58 -1.64
CA SER C 111 26.89 15.78 -0.84
C SER C 111 25.59 16.35 -0.27
N TYR C 112 24.40 15.88 -0.67
CA TYR C 112 23.17 16.50 -0.17
C TYR C 112 22.23 15.42 0.32
N CYS C 113 21.78 15.55 1.56
CA CYS C 113 20.58 14.84 2.02
C CYS C 113 19.57 15.84 2.54
N MET C 114 18.31 15.54 2.34
CA MET C 114 17.25 16.42 2.79
C MET C 114 17.13 16.36 4.31
N GLY C 115 16.64 17.44 4.93
CA GLY C 115 16.34 17.47 6.33
C GLY C 115 17.27 18.40 7.12
N PRO C 116 16.92 18.60 8.41
CA PRO C 116 17.69 19.52 9.27
C PRO C 116 19.10 18.95 9.53
N THR C 117 20.10 19.82 9.54
CA THR C 117 21.41 19.45 10.07
C THR C 117 21.72 20.28 11.32
N VAL C 118 22.65 19.75 12.12
CA VAL C 118 22.95 20.43 13.37
C VAL C 118 23.50 21.81 13.08
N THR C 119 23.37 22.70 14.06
CA THR C 119 23.82 24.09 13.90
C THR C 119 25.31 24.15 13.57
N ASN C 120 26.13 23.38 14.28
CA ASN C 120 27.59 23.54 14.15
C ASN C 120 28.25 22.30 14.74
N LEU C 121 29.58 22.32 14.80
CA LEU C 121 30.34 21.14 15.26
C LEU C 121 30.04 20.71 16.69
N GLU C 122 29.49 21.59 17.51
CA GLU C 122 29.15 21.19 18.87
C GLU C 122 27.66 21.10 19.08
N SER C 123 26.87 21.26 18.01
CA SER C 123 25.40 21.24 18.10
C SER C 123 24.92 22.23 19.17
N ASP C 124 25.48 23.44 19.15
CA ASP C 124 25.08 24.50 20.11
C ASP C 124 23.59 24.80 19.97
N ALA D 1 16.02 -14.16 26.95
CA ALA D 1 15.62 -14.04 25.53
C ALA D 1 14.24 -13.40 25.34
N MET D 2 13.94 -12.90 24.14
CA MET D 2 12.63 -12.34 23.84
C MET D 2 11.59 -13.45 23.80
N ALA D 3 10.54 -13.30 24.58
CA ALA D 3 9.47 -14.28 24.56
C ALA D 3 8.93 -14.45 23.15
N ASP D 4 8.76 -15.71 22.75
CA ASP D 4 8.23 -16.17 21.46
C ASP D 4 9.22 -16.05 20.30
N TYR D 5 10.51 -15.84 20.59
CA TYR D 5 11.57 -15.75 19.58
C TYR D 5 12.54 -16.95 19.62
N ASP D 6 12.17 -18.02 20.32
CA ASP D 6 13.08 -19.15 20.54
C ASP D 6 13.11 -20.12 19.38
N THR D 7 12.11 -20.10 18.50
CA THR D 7 11.95 -21.10 17.45
C THR D 7 11.93 -20.42 16.09
N TYR D 8 12.89 -20.77 15.24
CA TYR D 8 13.04 -20.10 13.96
C TYR D 8 13.77 -21.03 12.98
N VAL D 9 13.64 -20.68 11.70
CA VAL D 9 14.42 -21.29 10.63
C VAL D 9 15.08 -20.14 9.87
N SER D 10 16.32 -20.34 9.44
CA SER D 10 17.12 -19.27 8.87
C SER D 10 17.47 -19.58 7.43
N ASN D 11 17.64 -18.51 6.66
CA ASN D 11 18.11 -18.64 5.26
C ASN D 11 17.17 -19.52 4.45
N VAL D 12 15.87 -19.24 4.58
CA VAL D 12 14.83 -19.96 3.86
C VAL D 12 14.21 -19.01 2.86
N GLN D 13 13.41 -19.56 1.97
CA GLN D 13 12.70 -18.76 0.97
C GLN D 13 11.24 -19.16 1.03
N ILE D 14 10.38 -18.18 0.89
CA ILE D 14 8.94 -18.43 0.83
C ILE D 14 8.60 -18.76 -0.61
N ASN D 15 8.05 -19.95 -0.88
CA ASN D 15 7.69 -20.32 -2.25
C ASN D 15 6.20 -20.56 -2.47
N ASN D 16 5.35 -20.29 -1.48
CA ASN D 16 3.91 -20.36 -1.68
C ASN D 16 3.25 -19.46 -0.66
N LEU D 17 2.05 -18.98 -1.01
CA LEU D 17 1.30 -18.07 -0.15
C LEU D 17 -0.18 -18.41 -0.30
N SER D 18 -0.90 -18.31 0.78
CA SER D 18 -2.35 -18.46 0.81
C SER D 18 -2.97 -17.31 1.58
N TYR D 19 -4.09 -16.77 1.10
CA TYR D 19 -4.84 -15.78 1.89
C TYR D 19 -6.31 -16.12 1.72
N GLY D 20 -7.05 -16.12 2.82
CA GLY D 20 -8.47 -16.42 2.72
C GLY D 20 -9.24 -15.85 3.88
N VAL D 21 -10.56 -16.04 3.73
CA VAL D 21 -11.53 -15.76 4.79
C VAL D 21 -12.23 -17.06 5.17
N TYR D 22 -12.58 -17.22 6.46
CA TYR D 22 -12.95 -18.54 6.97
C TYR D 22 -13.63 -18.36 8.33
N THR D 23 -14.71 -19.10 8.57
CA THR D 23 -15.33 -19.12 9.90
C THR D 23 -14.65 -20.22 10.72
N SER D 24 -14.09 -19.87 11.87
CA SER D 24 -13.43 -20.88 12.73
C SER D 24 -13.85 -20.63 14.15
N GLY D 25 -14.27 -21.71 14.80
CA GLY D 25 -14.66 -21.62 16.21
C GLY D 25 -15.71 -20.58 16.52
N GLY D 26 -16.65 -20.40 15.59
CA GLY D 26 -17.72 -19.43 15.82
C GLY D 26 -17.40 -17.98 15.47
N LYS D 27 -16.21 -17.71 14.95
CA LYS D 27 -15.80 -16.33 14.66
C LYS D 27 -15.43 -16.23 13.19
N GLU D 28 -15.70 -15.06 12.58
CA GLU D 28 -15.24 -14.78 11.22
C GLU D 28 -13.77 -14.40 11.23
N THR D 29 -12.96 -15.08 10.42
CA THR D 29 -11.53 -14.81 10.45
C THR D 29 -11.05 -14.45 9.04
N GLN D 30 -9.88 -13.80 9.04
CA GLN D 30 -8.96 -13.78 7.89
C GLN D 30 -7.74 -14.57 8.29
N PHE D 31 -7.10 -15.24 7.32
CA PHE D 31 -5.79 -15.84 7.63
C PHE D 31 -4.91 -15.76 6.40
N PHE D 32 -3.61 -15.86 6.65
CA PHE D 32 -2.74 -16.17 5.53
C PHE D 32 -1.73 -17.19 6.01
N CYS D 33 -1.13 -17.91 5.05
CA CYS D 33 -0.12 -18.90 5.39
CA CYS D 33 -0.17 -18.96 5.34
C CYS D 33 0.97 -18.85 4.35
N ILE D 34 2.19 -19.07 4.80
CA ILE D 34 3.36 -19.13 3.91
C ILE D 34 3.84 -20.56 3.85
N GLY D 35 4.34 -20.97 2.70
CA GLY D 35 5.05 -22.23 2.57
C GLY D 35 6.51 -21.95 2.25
N LEU D 36 7.39 -22.80 2.74
CA LEU D 36 8.83 -22.62 2.55
C LEU D 36 9.40 -23.62 1.56
N LYS D 37 10.39 -23.16 0.81
CA LYS D 37 10.97 -23.97 -0.23
C LYS D 37 11.85 -25.04 0.38
N HIS D 38 11.76 -26.25 -0.17
CA HIS D 38 12.65 -27.35 0.20
C HIS D 38 13.33 -27.87 -1.06
N GLY D 39 14.58 -27.48 -1.23
CA GLY D 39 15.30 -27.93 -2.44
C GLY D 39 14.53 -27.49 -3.69
N SER D 40 14.39 -28.41 -4.65
CA SER D 40 13.65 -28.14 -5.88
C SER D 40 12.24 -28.70 -5.86
N GLU D 41 11.78 -29.14 -4.70
CA GLU D 41 10.43 -29.71 -4.61
C GLU D 41 9.37 -28.62 -4.78
N ALA D 42 8.26 -28.98 -5.47
CA ALA D 42 7.16 -28.01 -5.57
C ALA D 42 6.41 -27.89 -4.25
N ILE D 43 6.25 -28.99 -3.54
CA ILE D 43 5.44 -28.94 -2.34
C ILE D 43 6.21 -28.23 -1.23
N SER D 44 5.61 -27.20 -0.66
CA SER D 44 6.26 -26.47 0.42
C SER D 44 6.34 -27.33 1.68
N ILE D 45 7.24 -26.94 2.56
CA ILE D 45 7.38 -27.55 3.88
C ILE D 45 7.23 -26.41 4.91
N ASN D 46 7.05 -26.81 6.15
CA ASN D 46 7.09 -25.93 7.31
C ASN D 46 6.15 -24.72 7.16
N ALA D 47 4.93 -24.99 6.71
CA ALA D 47 3.98 -23.89 6.53
C ALA D 47 3.73 -23.20 7.87
N MET D 48 3.54 -21.91 7.83
CA MET D 48 3.24 -21.10 9.02
C MET D 48 2.11 -20.14 8.67
N CYS D 49 1.27 -19.81 9.65
CA CYS D 49 0.07 -19.01 9.39
C CYS D 49 -0.12 -17.94 10.44
N LYS D 50 -0.93 -16.96 10.09
CA LYS D 50 -1.36 -15.92 11.01
C LYS D 50 -2.84 -15.69 10.77
N VAL D 51 -3.55 -15.39 11.84
CA VAL D 51 -5.02 -15.28 11.81
C VAL D 51 -5.39 -13.97 12.50
N ASP D 52 -6.32 -13.20 11.93
CA ASP D 52 -6.55 -11.86 12.47
C ASP D 52 -7.14 -11.82 13.86
N VAL D 53 -8.00 -12.79 14.21
CA VAL D 53 -8.75 -12.71 15.46
C VAL D 53 -8.40 -13.82 16.42
N TYR D 54 -7.42 -14.65 16.12
CA TYR D 54 -6.96 -15.73 17.00
C TYR D 54 -5.45 -15.68 17.03
N GLY D 55 -4.88 -16.34 18.01
CA GLY D 55 -3.45 -16.55 18.13
C GLY D 55 -2.90 -15.89 19.37
N ASN D 56 -1.62 -16.12 19.57
CA ASN D 56 -0.92 -15.50 20.67
C ASN D 56 -0.74 -14.01 20.44
N HIS D 57 -0.73 -13.58 19.19
CA HIS D 57 -0.53 -12.16 18.87
C HIS D 57 -1.47 -11.84 17.73
N LYS D 58 -2.58 -11.20 18.03
CA LYS D 58 -3.54 -10.84 16.99
C LYS D 58 -3.17 -9.61 16.19
N GLN D 59 -2.34 -8.74 16.77
CA GLN D 59 -1.94 -7.52 16.10
C GLN D 59 -1.04 -7.82 14.91
N GLY D 60 -0.99 -6.84 14.01
CA GLY D 60 -0.04 -6.91 12.91
C GLY D 60 -0.47 -7.78 11.74
N PHE D 61 -1.76 -8.13 11.62
CA PHE D 61 -2.20 -8.99 10.53
C PHE D 61 -1.82 -8.41 9.17
N ASP D 62 -2.23 -7.15 8.90
CA ASP D 62 -2.01 -6.62 7.55
C ASP D 62 -0.51 -6.42 7.32
N ASN D 63 0.23 -5.95 8.34
CA ASN D 63 1.66 -5.71 8.14
C ASN D 63 2.39 -7.03 7.90
N MET D 64 2.04 -8.08 8.66
CA MET D 64 2.71 -9.36 8.44
C MET D 64 2.36 -9.90 7.06
N LEU D 65 1.08 -9.80 6.65
CA LEU D 65 0.68 -10.28 5.33
C LEU D 65 1.47 -9.56 4.24
N ASN D 66 1.59 -8.25 4.34
CA ASN D 66 2.31 -7.54 3.29
C ASN D 66 3.80 -7.83 3.30
N THR D 67 4.35 -8.11 4.48
CA THR D 67 5.76 -8.53 4.60
C THR D 67 5.96 -9.90 3.95
N ALA D 68 5.07 -10.86 4.26
CA ALA D 68 5.21 -12.17 3.64
C ALA D 68 5.06 -12.11 2.13
N LYS D 69 4.08 -11.33 1.62
CA LYS D 69 3.93 -11.19 0.19
C LYS D 69 5.19 -10.60 -0.44
N TYR D 70 5.82 -9.63 0.24
CA TYR D 70 7.04 -9.01 -0.27
C TYR D 70 8.12 -10.06 -0.50
N TYR D 71 8.38 -10.90 0.51
CA TYR D 71 9.47 -11.89 0.34
C TYR D 71 9.11 -13.06 -0.57
N TYR D 72 7.82 -13.36 -0.71
CA TYR D 72 7.39 -14.30 -1.74
C TYR D 72 7.71 -13.74 -3.12
N THR D 73 7.52 -12.43 -3.29
CA THR D 73 7.81 -11.77 -4.58
C THR D 73 9.30 -11.75 -4.87
N THR D 74 10.12 -11.38 -3.88
CA THR D 74 11.55 -11.27 -4.15
C THR D 74 12.24 -12.62 -4.19
N GLY D 75 11.71 -13.61 -3.48
CA GLY D 75 12.43 -14.86 -3.28
C GLY D 75 13.65 -14.73 -2.39
N GLY D 76 13.78 -13.64 -1.66
CA GLY D 76 14.99 -13.40 -0.87
C GLY D 76 15.10 -14.33 0.33
N ASP D 77 16.33 -14.51 0.82
CA ASP D 77 16.58 -15.34 1.99
C ASP D 77 16.12 -14.60 3.23
N VAL D 78 15.36 -15.30 4.08
CA VAL D 78 14.84 -14.69 5.30
C VAL D 78 15.01 -15.68 6.45
N ARG D 79 14.83 -15.15 7.66
CA ARG D 79 14.68 -15.97 8.86
C ARG D 79 13.24 -15.79 9.31
N ILE D 80 12.59 -16.90 9.66
CA ILE D 80 11.20 -16.90 10.07
C ILE D 80 11.11 -17.41 11.52
N TYR D 81 10.59 -16.57 12.39
CA TYR D 81 10.31 -16.96 13.78
C TYR D 81 8.85 -17.36 13.86
N TYR D 82 8.58 -18.46 14.57
CA TYR D 82 7.23 -19.02 14.61
C TYR D 82 7.04 -19.73 15.94
N LYS D 83 5.79 -20.07 16.23
CA LYS D 83 5.42 -20.79 17.44
C LYS D 83 4.69 -22.05 17.05
N GLU D 84 5.08 -23.17 17.63
CA GLU D 84 4.48 -24.48 17.34
C GLU D 84 3.19 -24.66 18.12
N ASN D 85 2.27 -25.46 17.55
CA ASN D 85 1.12 -25.97 18.29
C ASN D 85 0.17 -24.88 18.71
N VAL D 86 -0.10 -23.97 17.79
CA VAL D 86 -0.99 -22.86 18.08
C VAL D 86 -2.41 -23.12 17.57
N TRP D 87 -2.58 -23.37 16.28
CA TRP D 87 -3.94 -23.47 15.70
C TRP D 87 -4.59 -24.79 16.10
N ARG D 88 -5.80 -24.70 16.64
CA ARG D 88 -6.48 -25.87 17.18
C ARG D 88 -7.70 -26.29 16.37
N ASP D 89 -8.14 -25.51 15.39
CA ASP D 89 -9.19 -25.98 14.51
C ASP D 89 -8.66 -27.15 13.69
N PRO D 90 -9.19 -28.37 13.86
CA PRO D 90 -8.54 -29.52 13.20
C PRO D 90 -8.54 -29.42 11.71
N ASP D 91 -9.59 -28.85 11.15
CA ASP D 91 -9.65 -28.71 9.69
C ASP D 91 -8.60 -27.74 9.18
N PHE D 92 -8.43 -26.66 9.89
CA PHE D 92 -7.43 -25.66 9.49
C PHE D 92 -6.02 -26.22 9.62
N LYS D 93 -5.73 -26.85 10.77
CA LYS D 93 -4.41 -27.44 10.99
C LYS D 93 -4.06 -28.44 9.92
N SER D 94 -5.01 -29.30 9.53
CA SER D 94 -4.78 -30.32 8.52
C SER D 94 -4.52 -29.68 7.14
N ALA D 95 -5.28 -28.64 6.80
CA ALA D 95 -5.18 -28.00 5.48
C ALA D 95 -3.98 -27.09 5.34
N PHE D 96 -3.56 -26.47 6.43
CA PHE D 96 -2.51 -25.43 6.39
C PHE D 96 -1.43 -25.81 7.37
N SER D 97 -1.57 -25.34 8.61
CA SER D 97 -0.52 -25.62 9.59
C SER D 97 -1.05 -25.45 11.02
N SER D 98 -0.32 -25.92 12.04
CA SER D 98 -0.54 -25.50 13.42
C SER D 98 0.36 -24.34 13.89
N ARG D 99 1.30 -23.88 13.07
CA ARG D 99 2.33 -22.92 13.51
C ARG D 99 1.86 -21.48 13.31
N GLU D 100 2.12 -20.60 14.30
CA GLU D 100 1.81 -19.17 14.19
C GLU D 100 3.07 -18.39 13.81
N LEU D 101 3.00 -17.58 12.79
N LEU D 101 2.95 -17.53 12.81
CA LEU D 101 4.12 -16.75 12.34
CA LEU D 101 4.02 -16.63 12.44
C LEU D 101 4.28 -15.56 13.29
C LEU D 101 4.25 -15.61 13.53
N ILE D 102 5.52 -15.36 13.79
CA ILE D 102 5.88 -14.36 14.79
C ILE D 102 6.66 -13.19 14.17
N ALA D 103 7.60 -13.48 13.28
CA ALA D 103 8.44 -12.39 12.76
C ALA D 103 9.13 -12.90 11.52
N ILE D 104 9.47 -11.95 10.63
CA ILE D 104 10.25 -12.26 9.43
C ILE D 104 11.38 -11.25 9.36
N THR D 105 12.62 -11.75 9.22
CA THR D 105 13.76 -10.85 9.13
C THR D 105 14.60 -11.26 7.93
N THR D 106 15.42 -10.32 7.45
CA THR D 106 16.19 -10.61 6.24
C THR D 106 17.53 -11.23 6.62
N CYS D 107 18.09 -11.97 5.67
CA CYS D 107 19.44 -12.51 5.76
C CYS D 107 20.28 -11.82 4.72
N SER D 108 21.33 -11.12 5.15
CA SER D 108 22.20 -10.45 4.20
C SER D 108 23.33 -11.35 3.74
N SER D 109 23.57 -12.46 4.43
CA SER D 109 24.56 -13.42 4.03
C SER D 109 24.14 -14.80 4.50
N SER D 110 24.89 -15.80 4.04
CA SER D 110 24.69 -17.17 4.48
C SER D 110 24.84 -17.32 5.98
N SER D 111 25.52 -16.37 6.64
CA SER D 111 25.84 -16.48 8.04
C SER D 111 25.10 -15.49 8.94
N TYR D 112 24.43 -14.48 8.36
CA TYR D 112 23.79 -13.44 9.17
C TYR D 112 22.35 -13.23 8.74
N CYS D 113 21.43 -13.33 9.69
CA CYS D 113 20.09 -12.79 9.51
C CYS D 113 19.81 -11.92 10.72
N MET D 114 18.99 -10.89 10.56
CA MET D 114 18.68 -10.08 11.74
C MET D 114 17.91 -10.89 12.79
N GLY D 115 18.04 -10.44 14.06
CA GLY D 115 17.24 -10.93 15.13
C GLY D 115 18.01 -11.87 16.03
N PRO D 116 17.37 -12.24 17.12
CA PRO D 116 18.08 -13.05 18.14
C PRO D 116 18.27 -14.50 17.70
N THR D 117 19.31 -15.14 18.25
CA THR D 117 19.60 -16.54 17.95
C THR D 117 19.66 -17.37 19.23
N VAL D 118 19.52 -18.68 19.06
CA VAL D 118 19.65 -19.62 20.18
C VAL D 118 20.71 -20.63 19.79
N THR D 119 21.32 -21.21 20.81
CA THR D 119 22.41 -22.16 20.58
C THR D 119 22.07 -23.51 21.19
N ALA E 1 -12.36 30.51 -9.34
CA ALA E 1 -11.16 29.65 -9.22
C ALA E 1 -11.23 28.82 -7.96
N MET E 2 -10.51 27.69 -7.94
CA MET E 2 -10.49 26.85 -6.74
C MET E 2 -9.60 27.47 -5.64
N ALA E 3 -10.19 27.71 -4.46
CA ALA E 3 -9.41 28.20 -3.32
C ALA E 3 -8.23 27.27 -3.06
N ASP E 4 -7.05 27.87 -2.87
CA ASP E 4 -5.79 27.23 -2.56
C ASP E 4 -5.17 26.54 -3.76
N TYR E 5 -5.66 26.79 -4.99
CA TYR E 5 -5.10 26.22 -6.21
C TYR E 5 -4.47 27.29 -7.13
N ASP E 6 -4.22 28.46 -6.60
CA ASP E 6 -3.71 29.53 -7.44
C ASP E 6 -2.19 29.58 -7.49
N THR E 7 -1.49 28.83 -6.67
CA THR E 7 -0.03 28.88 -6.55
C THR E 7 0.51 27.48 -6.81
N TYR E 8 1.36 27.32 -7.82
CA TYR E 8 1.83 26.01 -8.27
C TYR E 8 3.15 26.18 -9.01
N VAL E 9 3.88 25.10 -9.18
CA VAL E 9 5.05 25.02 -10.08
C VAL E 9 4.87 23.78 -10.95
N SER E 10 5.11 23.90 -12.25
CA SER E 10 4.79 22.87 -13.23
C SER E 10 6.00 22.17 -13.81
N ASN E 11 5.82 20.95 -14.26
CA ASN E 11 6.85 20.21 -14.99
C ASN E 11 8.11 20.07 -14.18
N VAL E 12 7.94 19.87 -12.88
CA VAL E 12 9.04 19.62 -11.96
C VAL E 12 9.14 18.12 -11.72
N GLN E 13 10.22 17.69 -11.08
CA GLN E 13 10.35 16.30 -10.62
C GLN E 13 10.56 16.30 -9.11
N ILE E 14 10.01 15.30 -8.42
CA ILE E 14 10.29 15.16 -6.99
C ILE E 14 11.61 14.39 -6.90
N ASN E 15 12.69 15.06 -6.52
CA ASN E 15 13.99 14.40 -6.45
C ASN E 15 14.47 14.15 -5.02
N ASN E 16 13.66 14.50 -4.00
CA ASN E 16 14.01 14.13 -2.63
C ASN E 16 12.72 14.04 -1.83
N LEU E 17 12.76 13.28 -0.74
N LEU E 17 12.77 13.22 -0.78
CA LEU E 17 11.59 13.02 0.07
CA LEU E 17 11.65 12.99 0.12
C LEU E 17 12.03 12.81 1.51
C LEU E 17 12.14 12.97 1.56
N SER E 18 11.28 13.43 2.45
CA SER E 18 11.52 13.27 3.89
C SER E 18 10.25 12.81 4.54
N TYR E 19 10.33 11.85 5.46
CA TYR E 19 9.16 11.44 6.23
C TYR E 19 9.64 11.27 7.68
N GLY E 20 8.93 11.88 8.62
CA GLY E 20 9.33 11.68 10.02
C GLY E 20 8.23 11.96 11.01
N VAL E 21 8.57 11.68 12.26
CA VAL E 21 7.68 11.98 13.37
C VAL E 21 8.36 13.02 14.26
N TYR E 22 7.58 13.89 14.90
CA TYR E 22 8.14 15.12 15.44
C TYR E 22 7.13 15.76 16.38
N THR E 23 7.58 16.21 17.53
CA THR E 23 6.74 17.01 18.41
C THR E 23 6.78 18.47 18.00
N SER E 24 5.61 19.06 17.71
CA SER E 24 5.59 20.45 17.24
C SER E 24 4.48 21.18 17.96
N GLY E 25 4.78 22.30 18.60
CA GLY E 25 3.72 23.04 19.28
C GLY E 25 2.98 22.22 20.33
N GLY E 26 3.69 21.36 21.04
CA GLY E 26 3.03 20.58 22.07
C GLY E 26 2.20 19.41 21.58
N LYS E 27 2.29 19.05 20.30
CA LYS E 27 1.47 18.00 19.71
C LYS E 27 2.40 17.02 18.99
N GLU E 28 2.03 15.74 19.04
CA GLU E 28 2.75 14.72 18.28
C GLU E 28 2.32 14.76 16.82
N THR E 29 3.29 14.90 15.91
CA THR E 29 2.96 14.98 14.48
C THR E 29 3.68 13.90 13.69
N GLN E 30 3.12 13.65 12.51
CA GLN E 30 3.85 13.09 11.40
C GLN E 30 3.97 14.19 10.34
N PHE E 31 5.03 14.14 9.55
CA PHE E 31 5.12 15.05 8.42
C PHE E 31 5.83 14.35 7.30
N PHE E 32 5.62 14.89 6.11
CA PHE E 32 6.54 14.59 5.04
C PHE E 32 6.79 15.86 4.23
N CYS E 33 7.89 15.86 3.51
CA CYS E 33 8.26 17.00 2.67
C CYS E 33 8.80 16.44 1.38
N ILE E 34 8.54 17.19 0.30
CA ILE E 34 9.09 16.85 -0.99
C ILE E 34 10.09 17.91 -1.39
N GLY E 35 11.16 17.47 -2.02
CA GLY E 35 12.12 18.35 -2.63
C GLY E 35 12.04 18.21 -4.14
N LEU E 36 12.20 19.33 -4.83
CA LEU E 36 11.93 19.41 -6.26
C LEU E 36 13.18 19.81 -7.05
N LYS E 37 13.24 19.36 -8.29
CA LYS E 37 14.13 19.90 -9.30
C LYS E 37 13.30 20.16 -10.54
N HIS E 38 13.92 20.84 -11.50
CA HIS E 38 13.32 21.05 -12.83
C HIS E 38 14.47 20.83 -13.81
N GLY E 39 14.79 19.58 -14.11
CA GLY E 39 15.99 19.31 -14.87
C GLY E 39 17.20 19.92 -14.16
N SER E 40 17.98 20.69 -14.91
CA SER E 40 19.14 21.39 -14.37
C SER E 40 18.87 22.88 -14.14
N GLU E 41 17.63 23.32 -14.23
CA GLU E 41 17.26 24.71 -14.01
C GLU E 41 17.39 25.06 -12.54
N ALA E 42 17.89 26.26 -12.22
CA ALA E 42 17.95 26.66 -10.82
C ALA E 42 16.56 27.05 -10.35
N ILE E 43 16.06 26.36 -9.35
CA ILE E 43 14.77 26.68 -8.77
C ILE E 43 14.96 27.04 -7.30
N SER E 44 14.18 28.01 -6.84
CA SER E 44 14.21 28.40 -5.44
C SER E 44 12.96 27.90 -4.68
N ILE E 45 11.90 27.64 -5.43
CA ILE E 45 10.60 27.22 -4.85
C ILE E 45 10.65 25.70 -4.88
N ASN E 46 11.34 25.12 -3.93
CA ASN E 46 11.83 23.75 -4.16
C ASN E 46 11.54 22.76 -3.02
N ALA E 47 10.69 23.15 -2.04
CA ALA E 47 10.32 22.27 -0.95
C ALA E 47 8.90 22.62 -0.48
N MET E 48 8.13 21.59 -0.09
CA MET E 48 6.72 21.73 0.35
C MET E 48 6.40 20.54 1.24
N CYS E 49 5.61 20.78 2.27
CA CYS E 49 5.40 19.75 3.29
C CYS E 49 3.93 19.61 3.66
N LYS E 50 3.62 18.49 4.30
CA LYS E 50 2.28 18.21 4.78
C LYS E 50 2.43 17.57 6.15
N VAL E 51 1.58 17.98 7.07
CA VAL E 51 1.66 17.55 8.47
C VAL E 51 0.29 16.96 8.83
N ASP E 52 0.27 15.84 9.56
CA ASP E 52 -1.00 15.14 9.77
C ASP E 52 -1.98 15.91 10.63
N VAL E 53 -1.54 16.69 11.61
CA VAL E 53 -2.40 17.31 12.61
C VAL E 53 -2.35 18.82 12.59
N TYR E 54 -1.66 19.41 11.61
CA TYR E 54 -1.65 20.86 11.45
C TYR E 54 -1.86 21.18 9.98
N GLY E 55 -2.22 22.42 9.70
CA GLY E 55 -2.32 22.90 8.33
C GLY E 55 -3.74 23.35 7.97
N ASN E 56 -3.82 23.96 6.80
CA ASN E 56 -5.12 24.36 6.27
C ASN E 56 -6.00 23.16 5.92
N HIS E 57 -5.37 22.03 5.56
CA HIS E 57 -6.11 20.83 5.17
C HIS E 57 -5.43 19.62 5.80
N LYS E 58 -5.97 19.14 6.94
CA LYS E 58 -5.35 18.04 7.66
C LYS E 58 -5.65 16.68 7.04
N GLN E 59 -6.74 16.59 6.28
CA GLN E 59 -7.10 15.34 5.62
C GLN E 59 -6.06 14.92 4.58
N GLY E 60 -6.06 13.64 4.26
CA GLY E 60 -5.29 13.14 3.14
C GLY E 60 -3.82 12.95 3.40
N PHE E 61 -3.39 12.81 4.65
CA PHE E 61 -1.95 12.67 4.93
C PHE E 61 -1.39 11.44 4.22
N ASP E 62 -1.98 10.27 4.48
CA ASP E 62 -1.43 9.03 3.93
C ASP E 62 -1.51 9.05 2.42
N ASN E 63 -2.69 9.44 1.87
CA ASN E 63 -2.81 9.44 0.40
C ASN E 63 -1.82 10.39 -0.25
N MET E 64 -1.63 11.58 0.32
CA MET E 64 -0.66 12.50 -0.27
C MET E 64 0.77 11.94 -0.16
N LEU E 65 1.10 11.34 0.99
CA LEU E 65 2.41 10.72 1.17
C LEU E 65 2.64 9.66 0.11
N ASN E 66 1.68 8.74 -0.03
CA ASN E 66 1.92 7.67 -0.99
C ASN E 66 2.01 8.23 -2.40
N THR E 67 1.25 9.26 -2.73
CA THR E 67 1.34 9.90 -4.05
C THR E 67 2.71 10.51 -4.27
N ALA E 68 3.22 11.24 -3.29
CA ALA E 68 4.56 11.82 -3.38
C ALA E 68 5.61 10.74 -3.57
N LYS E 69 5.51 9.64 -2.81
CA LYS E 69 6.48 8.57 -2.91
C LYS E 69 6.44 7.94 -4.29
N TYR E 70 5.23 7.82 -4.88
CA TYR E 70 5.13 7.25 -6.20
C TYR E 70 5.92 8.08 -7.23
N TYR E 71 5.73 9.40 -7.25
CA TYR E 71 6.40 10.23 -8.26
C TYR E 71 7.89 10.37 -7.99
N TYR E 72 8.30 10.24 -6.73
CA TYR E 72 9.73 10.15 -6.44
C TYR E 72 10.30 8.90 -7.10
N THR E 73 9.54 7.79 -7.03
CA THR E 73 10.00 6.60 -7.71
C THR E 73 10.12 6.79 -9.22
N THR E 74 9.07 7.31 -9.87
CA THR E 74 9.11 7.37 -11.32
C THR E 74 10.04 8.47 -11.82
N GLY E 75 10.24 9.52 -11.04
CA GLY E 75 10.97 10.68 -11.56
C GLY E 75 10.18 11.45 -12.60
N GLY E 76 8.89 11.18 -12.77
CA GLY E 76 8.13 11.82 -13.83
C GLY E 76 7.83 13.27 -13.54
N ASP E 77 7.46 13.99 -14.60
CA ASP E 77 7.08 15.40 -14.46
C ASP E 77 5.72 15.55 -13.81
N VAL E 78 5.62 16.45 -12.83
CA VAL E 78 4.41 16.73 -12.08
C VAL E 78 4.23 18.23 -11.92
N ARG E 79 3.03 18.61 -11.54
CA ARG E 79 2.72 19.95 -11.07
C ARG E 79 2.40 19.88 -9.59
N ILE E 80 2.99 20.79 -8.82
CA ILE E 80 2.81 20.85 -7.37
C ILE E 80 2.02 22.09 -7.05
N TYR E 81 0.83 21.93 -6.46
CA TYR E 81 0.06 23.03 -5.89
C TYR E 81 0.41 23.19 -4.42
N TYR E 82 0.63 24.42 -3.95
CA TYR E 82 1.09 24.61 -2.58
C TYR E 82 0.58 25.94 -2.08
N LYS E 83 0.69 26.16 -0.79
CA LYS E 83 0.27 27.39 -0.14
C LYS E 83 1.45 27.92 0.65
N GLU E 84 1.80 29.19 0.44
CA GLU E 84 2.93 29.81 1.16
C GLU E 84 2.56 30.17 2.60
N ASN E 85 3.56 30.22 3.46
CA ASN E 85 3.45 30.90 4.77
C ASN E 85 2.52 30.15 5.73
N VAL E 86 2.54 28.83 5.70
CA VAL E 86 1.66 28.03 6.56
C VAL E 86 2.37 27.61 7.84
N TRP E 87 3.52 26.95 7.75
CA TRP E 87 4.16 26.36 8.94
C TRP E 87 4.84 27.43 9.77
N ARG E 88 4.43 27.53 11.03
CA ARG E 88 4.91 28.62 11.93
C ARG E 88 6.02 28.13 12.85
N ASP E 89 6.11 26.83 13.09
CA ASP E 89 7.19 26.26 13.93
C ASP E 89 8.51 26.75 13.33
N PRO E 90 9.27 27.64 14.00
CA PRO E 90 10.47 28.18 13.39
C PRO E 90 11.52 27.13 13.04
N ASP E 91 11.65 26.12 13.88
CA ASP E 91 12.63 25.06 13.60
C ASP E 91 12.25 24.23 12.40
N PHE E 92 10.96 23.90 12.30
CA PHE E 92 10.49 23.14 11.15
C PHE E 92 10.59 23.95 9.86
N LYS E 93 10.16 25.21 9.92
CA LYS E 93 10.23 26.04 8.73
C LYS E 93 11.69 26.24 8.26
N SER E 94 12.63 26.36 9.20
CA SER E 94 14.03 26.54 8.82
C SER E 94 14.59 25.28 8.18
N ALA E 95 14.19 24.12 8.69
CA ALA E 95 14.71 22.87 8.16
C ALA E 95 14.13 22.56 6.79
N PHE E 96 12.87 22.92 6.57
CA PHE E 96 12.14 22.62 5.31
C PHE E 96 11.69 23.93 4.66
N SER E 97 10.40 24.24 4.70
CA SER E 97 9.92 25.56 4.28
C SER E 97 8.63 25.80 5.03
N SER E 98 8.02 26.92 4.75
CA SER E 98 6.73 27.26 5.28
C SER E 98 5.60 26.74 4.42
N ARG E 99 5.90 26.07 3.32
CA ARG E 99 4.84 25.82 2.34
C ARG E 99 4.08 24.53 2.66
N GLU E 100 2.73 24.58 2.52
CA GLU E 100 1.88 23.41 2.69
C GLU E 100 1.55 22.84 1.32
N LEU E 101 1.77 21.54 1.17
CA LEU E 101 1.47 20.82 -0.06
C LEU E 101 -0.03 20.63 -0.18
N ILE E 102 -0.61 21.05 -1.33
CA ILE E 102 -2.06 21.02 -1.56
C ILE E 102 -2.48 19.94 -2.56
N ALA E 103 -1.69 19.73 -3.63
CA ALA E 103 -2.06 18.75 -4.64
C ALA E 103 -0.86 18.38 -5.47
N ILE E 104 -0.88 17.21 -6.07
CA ILE E 104 0.11 16.74 -7.03
C ILE E 104 -0.63 16.24 -8.23
N THR E 105 -0.28 16.74 -9.39
CA THR E 105 -0.89 16.27 -10.63
C THR E 105 0.20 15.89 -11.61
N THR E 106 -0.12 15.03 -12.58
CA THR E 106 0.88 14.60 -13.54
C THR E 106 0.93 15.49 -14.75
N CYS E 107 2.09 15.48 -15.40
CA CYS E 107 2.27 16.18 -16.68
C CYS E 107 2.57 15.16 -17.76
N SER E 108 1.73 15.14 -18.79
CA SER E 108 1.92 14.19 -19.88
C SER E 108 2.63 14.81 -21.06
N SER E 109 2.92 16.09 -20.99
CA SER E 109 3.73 16.74 -22.01
C SER E 109 4.35 17.98 -21.39
N SER E 110 5.23 18.63 -22.19
CA SER E 110 5.82 19.91 -21.81
C SER E 110 4.76 20.96 -21.58
N SER E 111 3.60 20.81 -22.21
CA SER E 111 2.59 21.85 -22.16
C SER E 111 1.38 21.48 -21.32
N TYR E 112 1.25 20.22 -20.86
CA TYR E 112 0.06 19.86 -20.16
C TYR E 112 0.39 19.17 -18.87
N CYS E 113 -0.17 19.71 -17.79
CA CYS E 113 -0.35 18.98 -16.55
C CYS E 113 -1.80 19.09 -16.13
N MET E 114 -2.33 18.08 -15.46
CA MET E 114 -3.72 18.22 -15.07
C MET E 114 -3.89 19.29 -14.01
N GLY E 115 -5.09 19.87 -13.97
CA GLY E 115 -5.46 20.80 -12.95
C GLY E 115 -5.55 22.21 -13.47
N PRO E 116 -6.07 23.11 -12.65
CA PRO E 116 -6.31 24.49 -13.11
C PRO E 116 -5.01 25.26 -13.20
N THR E 117 -4.98 26.24 -14.12
CA THR E 117 -3.80 27.08 -14.27
C THR E 117 -4.04 28.55 -13.99
N VAL E 118 -5.29 28.96 -13.79
CA VAL E 118 -5.56 30.36 -13.53
C VAL E 118 -4.91 30.82 -12.22
N THR E 119 -4.40 32.04 -12.23
CA THR E 119 -3.74 32.65 -11.09
C THR E 119 -4.57 33.84 -10.61
N ASN E 120 -4.16 34.41 -9.47
CA ASN E 120 -4.91 35.50 -8.84
C ASN E 120 -4.93 36.81 -9.66
#